data_3DN7
#
_entry.id   3DN7
#
_cell.length_a   43.728
_cell.length_b   83.519
_cell.length_c   89.633
_cell.angle_alpha   90.000
_cell.angle_beta   90.000
_cell.angle_gamma   90.000
#
_symmetry.space_group_name_H-M   'P 21 21 21'
#
loop_
_entity.id
_entity.type
_entity.pdbx_description
1 polymer 'Cyclic nucleotide binding regulatory protein'
2 non-polymer 1,2-ETHANEDIOL
3 non-polymer GLYCEROL
4 water water
#
_entity_poly.entity_id   1
_entity_poly.type   'polypeptide(L)'
_entity_poly.pdbx_seq_one_letter_code
;SNA(MSE)HTALINHIRKFIFLTDEDAGTLSAFFQLKKVRKKETLLKTGEICRINYFVVKGCLRLFFIDEKGIEQTTQFA
IENWWLSDY(MSE)AFQKQQPADFYIQSVENCELLSITYTEQENLFERIPALERYFRLVYQKSFAAAQLRSKFQH(MSE)
YSKEEQYHNFSSRFPEFIQRVPQYLLASYLGFTPEYLSEIRKKYIS
;
_entity_poly.pdbx_strand_id   A,B
#
loop_
_chem_comp.id
_chem_comp.type
_chem_comp.name
_chem_comp.formula
EDO non-polymer 1,2-ETHANEDIOL 'C2 H6 O2'
GOL non-polymer GLYCEROL 'C3 H8 O3'
#
# COMPACT_ATOMS: atom_id res chain seq x y z
N MSE A 4 -8.41 26.62 -2.33
CA MSE A 4 -7.11 25.99 -1.94
C MSE A 4 -7.04 25.37 -0.54
O MSE A 4 -7.18 26.07 0.47
CB MSE A 4 -6.03 27.05 -2.02
CG MSE A 4 -4.67 26.45 -1.98
SE MSE A 4 -4.00 26.16 -3.77
CE MSE A 4 -2.14 26.09 -3.12
N HIS A 5 -6.76 24.06 -0.45
CA HIS A 5 -6.71 23.35 0.83
C HIS A 5 -5.28 23.27 1.28
N THR A 6 -4.84 24.29 1.97
CA THR A 6 -3.42 24.47 2.26
C THR A 6 -2.73 23.24 2.91
N ALA A 7 -3.35 22.66 3.94
CA ALA A 7 -2.74 21.52 4.63
C ALA A 7 -2.46 20.37 3.67
N LEU A 8 -3.44 20.08 2.81
CA LEU A 8 -3.35 18.97 1.87
C LEU A 8 -2.29 19.25 0.82
N ILE A 9 -2.29 20.47 0.30
CA ILE A 9 -1.30 20.85 -0.71
C ILE A 9 0.12 20.78 -0.13
N ASN A 10 0.32 21.23 1.12
CA ASN A 10 1.65 21.23 1.74
C ASN A 10 2.11 19.81 1.86
N HIS A 11 1.19 18.94 2.24
CA HIS A 11 1.61 17.56 2.45
C HIS A 11 2.01 16.97 1.10
N ILE A 12 1.18 17.20 0.08
CA ILE A 12 1.45 16.66 -1.25
C ILE A 12 2.76 17.15 -1.79
N ARG A 13 3.02 18.45 -1.57
CA ARG A 13 4.27 19.03 -2.05
C ARG A 13 5.51 18.49 -1.36
N LYS A 14 5.35 17.80 -0.24
CA LYS A 14 6.52 17.12 0.34
C LYS A 14 6.99 15.95 -0.53
N PHE A 15 6.14 15.47 -1.44
CA PHE A 15 6.48 14.27 -2.23
C PHE A 15 6.57 14.51 -3.73
N ILE A 16 5.86 15.50 -4.21
CA ILE A 16 5.81 15.78 -5.65
C ILE A 16 5.90 17.28 -5.89
N PHE A 17 6.19 17.65 -7.14
CA PHE A 17 6.03 19.01 -7.59
C PHE A 17 4.56 19.22 -8.03
N LEU A 18 3.99 20.35 -7.67
CA LEU A 18 2.61 20.70 -8.04
C LEU A 18 2.51 22.20 -8.30
N THR A 19 2.11 22.58 -9.52
CA THR A 19 1.82 23.99 -9.80
C THR A 19 0.69 24.51 -8.91
N ASP A 20 0.69 25.82 -8.69
CA ASP A 20 -0.37 26.48 -7.95
C ASP A 20 -1.71 26.24 -8.65
N GLU A 21 -1.69 26.23 -9.99
CA GLU A 21 -2.91 25.98 -10.77
CA GLU A 21 -2.90 25.96 -10.79
C GLU A 21 -3.45 24.58 -10.48
N ASP A 22 -2.58 23.58 -10.60
CA ASP A 22 -2.96 22.19 -10.34
C ASP A 22 -3.37 21.96 -8.89
N ALA A 23 -2.73 22.67 -7.96
CA ALA A 23 -3.12 22.66 -6.55
C ALA A 23 -4.56 23.17 -6.42
N GLY A 24 -4.88 24.26 -7.14
CA GLY A 24 -6.25 24.77 -7.16
C GLY A 24 -7.22 23.76 -7.74
N THR A 25 -6.84 23.15 -8.87
CA THR A 25 -7.69 22.15 -9.51
C THR A 25 -7.94 20.93 -8.61
N LEU A 26 -6.85 20.44 -7.99
CA LEU A 26 -6.94 19.30 -7.09
C LEU A 26 -7.85 19.60 -5.89
N SER A 27 -7.69 20.80 -5.32
CA SER A 27 -8.46 21.17 -4.12
C SER A 27 -9.96 21.03 -4.33
N ALA A 28 -10.44 21.34 -5.54
CA ALA A 28 -11.88 21.36 -5.84
C ALA A 28 -12.53 19.98 -5.80
N PHE A 29 -11.72 18.93 -5.85
CA PHE A 29 -12.24 17.55 -5.76
C PHE A 29 -12.50 17.15 -4.30
N PHE A 30 -12.03 17.94 -3.33
CA PHE A 30 -12.13 17.58 -1.91
C PHE A 30 -13.15 18.42 -1.19
N GLN A 31 -13.94 17.80 -0.34
CA GLN A 31 -14.87 18.52 0.54
C GLN A 31 -14.32 18.66 1.97
N LEU A 32 -14.46 19.84 2.56
CA LEU A 32 -14.09 20.01 3.98
C LEU A 32 -15.20 19.48 4.88
N LYS A 33 -14.82 18.66 5.84
CA LYS A 33 -15.74 18.04 6.76
C LYS A 33 -15.23 18.32 8.16
N LYS A 34 -16.06 18.92 9.04
CA LYS A 34 -15.69 19.04 10.45
C LYS A 34 -16.59 18.09 11.24
N VAL A 35 -15.99 17.33 12.15
CA VAL A 35 -16.76 16.38 12.92
C VAL A 35 -16.29 16.43 14.39
N ARG A 36 -17.27 16.39 15.30
CA ARG A 36 -16.97 16.26 16.72
C ARG A 36 -16.40 14.88 17.03
N LYS A 37 -15.71 14.77 18.16
CA LYS A 37 -15.22 13.48 18.63
C LYS A 37 -16.36 12.48 18.77
N LYS A 38 -16.02 11.21 18.61
CA LYS A 38 -16.95 10.08 18.69
C LYS A 38 -18.11 10.06 17.69
N GLU A 39 -17.89 10.62 16.51
CA GLU A 39 -18.85 10.63 15.41
C GLU A 39 -18.47 9.51 14.47
N THR A 40 -19.46 8.68 14.12
CA THR A 40 -19.19 7.57 13.18
C THR A 40 -19.35 8.04 11.73
N LEU A 41 -18.33 7.81 10.92
CA LEU A 41 -18.29 8.23 9.51
C LEU A 41 -18.58 7.07 8.56
N LEU A 42 -18.33 5.85 9.02
CA LEU A 42 -18.60 4.67 8.21
C LEU A 42 -18.94 3.56 9.20
N LYS A 43 -19.88 2.69 8.82
CA LYS A 43 -20.26 1.49 9.59
C LYS A 43 -20.03 0.23 8.81
N THR A 44 -19.64 -0.84 9.48
CA THR A 44 -19.64 -2.14 8.83
C THR A 44 -20.96 -2.33 8.09
N GLY A 45 -20.86 -2.76 6.83
CA GLY A 45 -22.06 -3.07 6.03
C GLY A 45 -22.54 -1.91 5.18
N GLU A 46 -22.11 -0.68 5.50
CA GLU A 46 -22.39 0.51 4.70
CA GLU A 46 -22.41 0.48 4.68
C GLU A 46 -21.48 0.56 3.49
N ILE A 47 -22.03 0.99 2.33
CA ILE A 47 -21.17 1.04 1.14
C ILE A 47 -20.07 2.10 1.33
N CYS A 48 -18.80 1.71 1.21
CA CYS A 48 -17.72 2.63 1.44
C CYS A 48 -17.39 3.43 0.18
N ARG A 49 -17.57 4.76 0.26
CA ARG A 49 -17.32 5.65 -0.89
C ARG A 49 -16.16 6.60 -0.65
N ILE A 50 -15.75 6.81 0.62
CA ILE A 50 -14.98 8.00 0.93
C ILE A 50 -13.58 7.68 1.50
N ASN A 51 -12.60 8.44 1.03
CA ASN A 51 -11.24 8.41 1.54
C ASN A 51 -11.04 9.75 2.23
N TYR A 52 -10.50 9.71 3.46
CA TYR A 52 -10.29 10.90 4.28
C TYR A 52 -8.81 11.29 4.49
N PHE A 53 -8.54 12.59 4.38
CA PHE A 53 -7.24 13.15 4.75
C PHE A 53 -7.51 13.90 6.04
N VAL A 54 -6.72 13.61 7.08
CA VAL A 54 -6.89 14.28 8.38
C VAL A 54 -6.09 15.60 8.41
N VAL A 55 -6.79 16.72 8.38
CA VAL A 55 -6.14 18.03 8.53
C VAL A 55 -5.76 18.25 9.99
N LYS A 56 -6.74 17.97 10.87
CA LYS A 56 -6.54 18.11 12.31
C LYS A 56 -7.32 16.99 12.98
N GLY A 57 -6.74 16.36 14.00
CA GLY A 57 -7.46 15.41 14.81
C GLY A 57 -6.95 13.99 14.65
N CYS A 58 -7.89 13.07 14.74
CA CYS A 58 -7.55 11.68 14.73
C CYS A 58 -8.78 10.87 14.45
N LEU A 59 -8.64 9.95 13.50
CA LEU A 59 -9.71 9.00 13.18
C LEU A 59 -9.26 7.61 13.63
N ARG A 60 -10.19 6.70 13.93
CA ARG A 60 -9.80 5.31 14.12
C ARG A 60 -10.62 4.39 13.23
N LEU A 61 -9.99 3.28 12.84
CA LEU A 61 -10.65 2.22 12.10
C LEU A 61 -10.88 1.06 13.07
N PHE A 62 -12.09 0.54 13.13
CA PHE A 62 -12.32 -0.61 14.01
C PHE A 62 -13.39 -1.53 13.47
N PHE A 63 -13.50 -2.73 14.07
CA PHE A 63 -14.62 -3.58 13.72
C PHE A 63 -15.20 -4.10 15.03
N ILE A 64 -16.38 -4.66 14.97
CA ILE A 64 -17.00 -5.16 16.18
C ILE A 64 -17.00 -6.67 16.06
N ASP A 65 -16.39 -7.34 17.02
CA ASP A 65 -16.30 -8.82 16.96
C ASP A 65 -17.62 -9.49 17.36
N GLU A 66 -17.70 -10.81 17.32
CA GLU A 66 -19.00 -11.47 17.51
C GLU A 66 -19.46 -11.46 18.99
N LYS A 67 -18.63 -10.88 19.87
CA LYS A 67 -18.99 -10.66 21.28
C LYS A 67 -19.37 -9.18 21.51
N GLY A 68 -19.31 -8.40 20.44
CA GLY A 68 -19.73 -7.00 20.46
C GLY A 68 -18.64 -6.06 20.92
N ILE A 69 -17.41 -6.60 21.01
CA ILE A 69 -16.26 -5.83 21.44
C ILE A 69 -15.65 -5.11 20.24
N GLU A 70 -15.44 -3.80 20.37
CA GLU A 70 -14.80 -3.00 19.33
C GLU A 70 -13.31 -3.30 19.34
N GLN A 71 -12.76 -3.65 18.17
CA GLN A 71 -11.34 -3.98 18.06
C GLN A 71 -10.77 -2.93 17.14
N THR A 72 -9.90 -2.08 17.67
CA THR A 72 -9.38 -0.96 16.86
C THR A 72 -8.16 -1.48 16.12
N THR A 73 -8.12 -1.25 14.81
CA THR A 73 -7.04 -1.81 14.01
C THR A 73 -6.08 -0.77 13.50
N GLN A 74 -6.48 0.49 13.48
CA GLN A 74 -5.63 1.53 12.92
C GLN A 74 -6.10 2.88 13.41
N PHE A 75 -5.16 3.81 13.54
CA PHE A 75 -5.49 5.22 13.73
C PHE A 75 -4.91 5.99 12.53
N ALA A 76 -5.47 7.16 12.27
CA ALA A 76 -4.87 8.10 11.32
C ALA A 76 -4.80 9.46 11.99
N ILE A 77 -3.60 10.00 12.17
CA ILE A 77 -3.52 11.35 12.73
C ILE A 77 -3.35 12.42 11.65
N GLU A 78 -3.11 13.66 12.06
CA GLU A 78 -2.94 14.76 11.07
C GLU A 78 -1.95 14.41 9.96
N ASN A 79 -2.31 14.80 8.74
CA ASN A 79 -1.46 14.60 7.56
C ASN A 79 -1.42 13.15 7.09
N TRP A 80 -2.37 12.34 7.53
CA TRP A 80 -2.46 11.02 6.96
C TRP A 80 -3.90 10.68 6.54
N TRP A 81 -4.05 9.51 5.95
CA TRP A 81 -5.28 9.14 5.19
C TRP A 81 -5.96 7.95 5.88
N LEU A 82 -7.27 7.81 5.71
CA LEU A 82 -7.93 6.61 6.15
C LEU A 82 -9.17 6.34 5.34
N SER A 83 -9.38 5.07 5.06
CA SER A 83 -10.63 4.58 4.56
C SER A 83 -10.63 3.09 4.91
N ASP A 84 -11.70 2.42 4.56
CA ASP A 84 -11.69 0.94 4.49
C ASP A 84 -11.28 0.64 3.04
N TYR A 85 -9.99 0.39 2.81
CA TYR A 85 -9.50 0.46 1.45
C TYR A 85 -10.00 -0.68 0.54
N MSE A 86 -10.24 -1.86 1.09
CA MSE A 86 -10.77 -2.90 0.24
C MSE A 86 -12.20 -2.47 -0.21
O MSE A 86 -12.55 -2.58 -1.40
CB MSE A 86 -10.84 -4.19 1.02
CG MSE A 86 -11.36 -5.32 0.16
SE MSE A 86 -10.15 -5.84 -1.26
CE MSE A 86 -8.71 -6.57 -0.19
N ALA A 87 -13.02 -2.01 0.75
CA ALA A 87 -14.42 -1.62 0.40
C ALA A 87 -14.49 -0.41 -0.53
N PHE A 88 -13.58 0.53 -0.30
CA PHE A 88 -13.38 1.71 -1.12
C PHE A 88 -13.02 1.32 -2.57
N GLN A 89 -12.01 0.49 -2.75
CA GLN A 89 -11.56 0.14 -4.11
CA GLN A 89 -11.55 0.12 -4.10
C GLN A 89 -12.54 -0.76 -4.83
N LYS A 90 -13.28 -1.58 -4.08
CA LYS A 90 -14.25 -2.52 -4.71
C LYS A 90 -15.64 -1.93 -4.76
N GLN A 91 -15.83 -0.76 -4.12
CA GLN A 91 -17.11 -0.02 -4.13
C GLN A 91 -18.20 -0.90 -3.54
N GLN A 92 -17.93 -1.40 -2.36
CA GLN A 92 -18.85 -2.37 -1.78
C GLN A 92 -19.04 -2.13 -0.29
N PRO A 93 -19.96 -2.89 0.36
CA PRO A 93 -20.14 -2.75 1.81
C PRO A 93 -18.82 -2.87 2.64
N ALA A 94 -18.69 -1.97 3.60
CA ALA A 94 -17.53 -1.90 4.52
C ALA A 94 -17.38 -3.10 5.48
N ASP A 95 -16.13 -3.49 5.70
CA ASP A 95 -15.82 -4.39 6.79
C ASP A 95 -15.69 -3.58 8.09
N PHE A 96 -15.26 -2.33 7.97
CA PHE A 96 -14.87 -1.55 9.16
C PHE A 96 -15.77 -0.34 9.44
N TYR A 97 -15.74 0.08 10.71
CA TYR A 97 -16.24 1.40 11.10
C TYR A 97 -15.11 2.41 11.05
N ILE A 98 -15.42 3.65 10.73
CA ILE A 98 -14.47 4.74 10.91
C ILE A 98 -15.16 5.73 11.85
N GLN A 99 -14.44 6.17 12.88
CA GLN A 99 -15.02 7.09 13.86
C GLN A 99 -13.94 8.10 14.32
N SER A 100 -14.35 9.34 14.54
CA SER A 100 -13.43 10.37 15.05
C SER A 100 -13.10 10.08 16.52
N VAL A 101 -11.82 10.23 16.86
CA VAL A 101 -11.38 10.00 18.23
C VAL A 101 -11.34 11.36 18.94
N GLU A 102 -10.95 12.37 18.17
CA GLU A 102 -10.93 13.77 18.63
C GLU A 102 -11.84 14.57 17.71
N ASN A 103 -12.03 15.84 18.04
CA ASN A 103 -12.64 16.74 17.08
C ASN A 103 -11.73 16.77 15.87
N CYS A 104 -12.30 16.68 14.67
CA CYS A 104 -11.47 16.60 13.44
C CYS A 104 -11.86 17.65 12.42
N GLU A 105 -10.85 18.12 11.66
CA GLU A 105 -11.09 18.77 10.40
C GLU A 105 -10.60 17.79 9.32
N LEU A 106 -11.48 17.39 8.42
CA LEU A 106 -11.13 16.40 7.39
C LEU A 106 -11.31 16.95 5.99
N LEU A 107 -10.62 16.34 5.04
CA LEU A 107 -10.87 16.57 3.62
C LEU A 107 -11.23 15.23 3.03
N SER A 108 -12.36 15.15 2.36
CA SER A 108 -12.87 13.88 1.87
C SER A 108 -12.94 13.88 0.35
N ILE A 109 -12.78 12.70 -0.20
CA ILE A 109 -12.95 12.51 -1.66
C ILE A 109 -13.59 11.14 -1.89
N THR A 110 -14.46 11.02 -2.89
CA THR A 110 -15.07 9.70 -3.18
C THR A 110 -14.15 8.88 -4.09
N TYR A 111 -14.39 7.57 -4.15
CA TYR A 111 -13.61 6.72 -5.04
C TYR A 111 -13.68 7.20 -6.51
N THR A 112 -14.90 7.50 -6.97
CA THR A 112 -15.11 7.99 -8.34
C THR A 112 -14.31 9.27 -8.60
N GLU A 113 -14.38 10.20 -7.65
CA GLU A 113 -13.68 11.48 -7.75
C GLU A 113 -12.18 11.32 -7.75
N GLN A 114 -11.70 10.46 -6.85
CA GLN A 114 -10.27 10.19 -6.75
C GLN A 114 -9.70 9.57 -8.08
N GLU A 115 -10.44 8.66 -8.72
CA GLU A 115 -10.01 8.08 -10.01
C GLU A 115 -9.99 9.16 -11.10
N ASN A 116 -11.01 10.02 -11.15
CA ASN A 116 -11.03 11.19 -12.05
C ASN A 116 -9.81 12.10 -11.77
N LEU A 117 -9.53 12.31 -10.50
CA LEU A 117 -8.42 13.16 -10.08
C LEU A 117 -7.07 12.61 -10.56
N PHE A 118 -6.88 11.28 -10.44
CA PHE A 118 -5.64 10.65 -10.96
C PHE A 118 -5.46 10.85 -12.46
N GLU A 119 -6.57 10.90 -13.19
CA GLU A 119 -6.51 11.14 -14.64
CA GLU A 119 -6.61 11.17 -14.64
C GLU A 119 -6.22 12.61 -14.95
N ARG A 120 -6.78 13.52 -14.16
CA ARG A 120 -6.66 14.95 -14.37
C ARG A 120 -5.28 15.44 -13.93
N ILE A 121 -4.76 14.86 -12.84
CA ILE A 121 -3.51 15.32 -12.28
C ILE A 121 -2.64 14.09 -12.02
N PRO A 122 -2.03 13.56 -13.08
CA PRO A 122 -1.26 12.30 -13.03
C PRO A 122 -0.04 12.36 -12.12
N ALA A 123 0.46 13.58 -11.85
CA ALA A 123 1.60 13.73 -10.92
C ALA A 123 1.22 13.15 -9.53
N LEU A 124 -0.08 13.08 -9.25
CA LEU A 124 -0.57 12.58 -7.97
C LEU A 124 -0.40 11.07 -7.83
N GLU A 125 -0.18 10.36 -8.95
CA GLU A 125 0.05 8.93 -8.84
C GLU A 125 1.26 8.68 -7.96
N ARG A 126 2.28 9.52 -8.11
CA ARG A 126 3.48 9.32 -7.30
C ARG A 126 3.21 9.61 -5.82
N TYR A 127 2.46 10.68 -5.56
CA TYR A 127 2.10 10.96 -4.17
C TYR A 127 1.40 9.74 -3.49
N PHE A 128 0.37 9.20 -4.13
CA PHE A 128 -0.34 8.05 -3.55
C PHE A 128 0.46 6.74 -3.57
N ARG A 129 1.36 6.60 -4.53
CA ARG A 129 2.30 5.45 -4.51
C ARG A 129 3.04 5.51 -3.19
N LEU A 130 3.51 6.69 -2.84
CA LEU A 130 4.30 6.81 -1.63
C LEU A 130 3.43 6.66 -0.38
N VAL A 131 2.24 7.28 -0.42
CA VAL A 131 1.29 7.13 0.69
C VAL A 131 0.94 5.66 0.92
N TYR A 132 0.59 4.94 -0.13
CA TYR A 132 0.21 3.53 0.07
C TYR A 132 1.39 2.61 0.41
N GLN A 133 2.55 2.90 -0.14
CA GLN A 133 3.75 2.15 0.18
C GLN A 133 4.05 2.24 1.66
N LYS A 134 4.00 3.47 2.17
CA LYS A 134 4.30 3.71 3.58
C LYS A 134 3.19 3.08 4.45
N SER A 135 1.94 3.19 4.00
CA SER A 135 0.81 2.60 4.76
C SER A 135 0.95 1.06 4.83
N PHE A 136 1.35 0.44 3.73
CA PHE A 136 1.56 -0.98 3.67
C PHE A 136 2.72 -1.40 4.57
N ALA A 137 3.82 -0.65 4.53
CA ALA A 137 4.99 -0.96 5.37
C ALA A 137 4.58 -0.94 6.82
N ALA A 138 3.88 0.14 7.19
CA ALA A 138 3.38 0.28 8.57
C ALA A 138 2.44 -0.87 8.97
N ALA A 139 1.57 -1.29 8.03
CA ALA A 139 0.65 -2.39 8.30
C ALA A 139 1.42 -3.72 8.53
N GLN A 140 2.45 -3.98 7.73
CA GLN A 140 3.28 -5.17 7.96
C GLN A 140 3.85 -5.18 9.36
N LEU A 141 4.42 -4.05 9.74
CA LEU A 141 5.04 -3.91 11.07
C LEU A 141 4.04 -4.05 12.21
N ARG A 142 2.86 -3.42 12.07
CA ARG A 142 1.79 -3.54 13.05
C ARG A 142 1.47 -5.00 13.28
N SER A 143 1.49 -5.80 12.22
CA SER A 143 1.12 -7.20 12.35
C SER A 143 2.10 -7.90 13.30
N LYS A 144 3.37 -7.60 13.15
CA LYS A 144 4.36 -8.16 14.01
C LYS A 144 4.22 -7.60 15.44
N PHE A 145 4.14 -6.27 15.58
CA PHE A 145 4.12 -5.65 16.90
C PHE A 145 2.87 -5.98 17.71
N GLN A 146 1.73 -6.14 17.05
CA GLN A 146 0.48 -6.53 17.72
C GLN A 146 0.60 -7.92 18.34
N HIS A 147 1.24 -8.84 17.63
CA HIS A 147 1.45 -10.21 18.14
C HIS A 147 2.28 -10.23 19.42
N MSE A 148 3.31 -9.38 19.46
CA MSE A 148 4.35 -9.46 20.47
C MSE A 148 4.21 -8.47 21.63
O MSE A 148 4.42 -8.82 22.79
CB MSE A 148 5.72 -9.29 19.80
CG MSE A 148 6.02 -10.33 18.73
SE MSE A 148 7.90 -10.47 18.27
CE MSE A 148 8.59 -11.28 19.89
N TYR A 149 3.84 -7.22 21.31
CA TYR A 149 3.95 -6.11 22.27
C TYR A 149 2.64 -5.35 22.46
N SER B 1 11.61 -11.01 -25.32
CA SER B 1 11.81 -11.21 -23.86
C SER B 1 12.26 -12.64 -23.48
N ASN B 2 11.77 -13.07 -22.31
CA ASN B 2 11.75 -14.46 -21.82
C ASN B 2 10.45 -14.59 -21.00
N ALA B 3 10.07 -15.81 -20.59
CA ALA B 3 8.80 -16.02 -19.86
C ALA B 3 8.60 -15.14 -18.61
N MSE B 4 9.65 -15.04 -17.80
CA MSE B 4 9.55 -14.32 -16.53
C MSE B 4 9.37 -12.82 -16.77
O MSE B 4 8.45 -12.22 -16.18
CB MSE B 4 10.74 -14.57 -15.60
CG MSE B 4 10.70 -15.90 -14.90
SE MSE B 4 11.93 -15.89 -13.35
CE MSE B 4 12.70 -17.63 -13.64
N HIS B 5 10.23 -12.22 -17.62
CA HIS B 5 10.05 -10.79 -17.94
C HIS B 5 8.72 -10.53 -18.63
N THR B 6 8.33 -11.43 -19.49
CA THR B 6 7.00 -11.33 -20.11
C THR B 6 5.88 -11.25 -19.07
N ALA B 7 5.99 -12.07 -18.03
CA ALA B 7 4.95 -12.09 -16.98
C ALA B 7 4.82 -10.73 -16.32
N LEU B 8 5.97 -10.12 -16.05
CA LEU B 8 5.99 -8.81 -15.38
C LEU B 8 5.43 -7.72 -16.29
N ILE B 9 5.87 -7.72 -17.56
CA ILE B 9 5.44 -6.72 -18.53
C ILE B 9 3.91 -6.79 -18.73
N ASN B 10 3.39 -8.01 -18.89
CA ASN B 10 1.94 -8.26 -19.04
C ASN B 10 1.17 -7.69 -17.84
N HIS B 11 1.67 -7.94 -16.63
CA HIS B 11 0.99 -7.51 -15.43
C HIS B 11 0.98 -5.98 -15.42
N ILE B 12 2.13 -5.37 -15.71
CA ILE B 12 2.20 -3.90 -15.73
C ILE B 12 1.23 -3.31 -16.76
N ARG B 13 1.14 -3.95 -17.91
CA ARG B 13 0.30 -3.46 -19.01
C ARG B 13 -1.20 -3.58 -18.70
N LYS B 14 -1.57 -4.36 -17.67
CA LYS B 14 -2.96 -4.37 -17.20
C LYS B 14 -3.37 -2.98 -16.70
N PHE B 15 -2.39 -2.21 -16.23
CA PHE B 15 -2.67 -1.00 -15.45
C PHE B 15 -2.18 0.29 -16.06
N ILE B 16 -1.15 0.20 -16.88
CA ILE B 16 -0.56 1.40 -17.47
C ILE B 16 -0.18 1.12 -18.92
N PHE B 17 0.13 2.21 -19.62
CA PHE B 17 0.57 2.19 -21.01
C PHE B 17 2.08 2.03 -20.94
N LEU B 18 2.64 1.12 -21.73
CA LEU B 18 4.05 0.85 -21.71
C LEU B 18 4.50 0.59 -23.15
N THR B 19 5.48 1.37 -23.63
CA THR B 19 6.04 1.11 -24.95
C THR B 19 6.99 -0.10 -24.93
N ASP B 20 7.32 -0.62 -26.12
CA ASP B 20 8.27 -1.70 -26.21
C ASP B 20 9.64 -1.30 -25.68
N GLU B 21 10.02 -0.05 -25.91
CA GLU B 21 11.28 0.49 -25.44
CA GLU B 21 11.29 0.45 -25.44
C GLU B 21 11.30 0.48 -23.91
N ASP B 22 10.19 0.91 -23.30
CA ASP B 22 10.03 0.91 -21.83
C ASP B 22 10.13 -0.48 -21.26
N ALA B 23 9.48 -1.42 -21.92
CA ALA B 23 9.53 -2.85 -21.51
C ALA B 23 10.98 -3.41 -21.47
N GLY B 24 11.79 -3.14 -22.51
CA GLY B 24 13.22 -3.48 -22.50
C GLY B 24 13.99 -2.83 -21.37
N THR B 25 13.81 -1.53 -21.21
CA THR B 25 14.44 -0.76 -20.15
C THR B 25 14.11 -1.36 -18.79
N LEU B 26 12.83 -1.52 -18.54
CA LEU B 26 12.36 -1.98 -17.25
C LEU B 26 12.96 -3.37 -16.97
N SER B 27 12.95 -4.25 -17.98
CA SER B 27 13.40 -5.62 -17.84
C SER B 27 14.86 -5.77 -17.41
N ALA B 28 15.73 -4.90 -17.95
CA ALA B 28 17.15 -4.85 -17.60
C ALA B 28 17.35 -4.74 -16.07
N PHE B 29 16.45 -4.04 -15.41
CA PHE B 29 16.61 -3.85 -13.96
C PHE B 29 16.20 -5.06 -13.15
N PHE B 30 15.38 -5.93 -13.73
CA PHE B 30 14.83 -7.06 -12.95
C PHE B 30 15.58 -8.36 -13.24
N GLN B 31 15.98 -9.04 -12.15
CA GLN B 31 16.76 -10.29 -12.29
C GLN B 31 15.91 -11.51 -12.03
N LEU B 32 16.09 -12.51 -12.89
CA LEU B 32 15.41 -13.80 -12.76
C LEU B 32 15.99 -14.56 -11.59
N LYS B 33 15.12 -15.12 -10.77
CA LYS B 33 15.54 -15.86 -9.61
C LYS B 33 14.62 -17.10 -9.51
N LYS B 34 15.21 -18.30 -9.55
CA LYS B 34 14.43 -19.52 -9.27
C LYS B 34 14.85 -20.10 -7.93
N VAL B 35 13.88 -20.44 -7.08
CA VAL B 35 14.18 -21.01 -5.77
C VAL B 35 13.35 -22.24 -5.53
N ARG B 36 13.92 -23.16 -4.75
CA ARG B 36 13.23 -24.33 -4.26
C ARG B 36 12.34 -23.96 -3.08
N LYS B 37 11.38 -24.81 -2.75
CA LYS B 37 10.57 -24.53 -1.56
C LYS B 37 11.47 -24.41 -0.32
N LYS B 38 10.99 -23.60 0.62
CA LYS B 38 11.63 -23.34 1.91
C LYS B 38 13.04 -22.76 1.80
N GLU B 39 13.27 -21.94 0.77
CA GLU B 39 14.52 -21.23 0.63
C GLU B 39 14.34 -19.85 1.25
N THR B 40 15.23 -19.48 2.15
CA THR B 40 15.19 -18.16 2.79
C THR B 40 15.88 -17.09 1.93
N LEU B 41 15.15 -16.02 1.64
CA LEU B 41 15.64 -14.91 0.82
C LEU B 41 16.03 -13.67 1.61
N LEU B 42 15.55 -13.58 2.85
CA LEU B 42 15.84 -12.44 3.73
C LEU B 42 15.67 -12.94 5.16
N LYS B 43 16.57 -12.51 6.06
CA LYS B 43 16.50 -12.90 7.46
C LYS B 43 16.33 -11.64 8.28
N THR B 44 15.55 -11.72 9.37
CA THR B 44 15.46 -10.62 10.35
C THR B 44 16.87 -10.14 10.65
N GLY B 45 17.11 -8.82 10.60
CA GLY B 45 18.44 -8.28 10.94
C GLY B 45 19.38 -8.00 9.78
N GLU B 46 19.10 -8.63 8.64
CA GLU B 46 19.82 -8.43 7.37
C GLU B 46 19.31 -7.16 6.67
N ILE B 47 20.21 -6.36 6.10
CA ILE B 47 19.78 -5.17 5.35
C ILE B 47 18.89 -5.62 4.20
N CYS B 48 17.66 -5.10 4.19
CA CYS B 48 16.74 -5.40 3.13
C CYS B 48 16.92 -4.44 1.97
N ARG B 49 17.33 -5.00 0.82
CA ARG B 49 17.61 -4.24 -0.41
CA ARG B 49 17.55 -4.19 -0.39
C ARG B 49 16.77 -4.67 -1.62
N ILE B 50 15.97 -5.74 -1.48
CA ILE B 50 15.35 -6.37 -2.65
C ILE B 50 13.82 -6.47 -2.55
N ASN B 51 13.17 -6.08 -3.64
CA ASN B 51 11.71 -6.22 -3.82
C ASN B 51 11.48 -7.37 -4.82
N TYR B 52 10.55 -8.31 -4.52
CA TYR B 52 10.30 -9.47 -5.36
C TYR B 52 8.93 -9.40 -6.00
N PHE B 53 8.86 -9.69 -7.31
CA PHE B 53 7.64 -9.97 -8.03
C PHE B 53 7.55 -11.49 -8.21
N VAL B 54 6.42 -12.04 -7.86
CA VAL B 54 6.23 -13.48 -7.94
C VAL B 54 5.66 -13.88 -9.31
N VAL B 55 6.53 -14.48 -10.13
CA VAL B 55 6.10 -14.96 -11.46
C VAL B 55 5.26 -16.26 -11.32
N LYS B 56 5.81 -17.22 -10.59
CA LYS B 56 5.15 -18.48 -10.27
CA LYS B 56 5.12 -18.45 -10.25
C LYS B 56 5.51 -18.83 -8.83
N GLY B 57 4.58 -19.41 -8.09
CA GLY B 57 4.88 -19.81 -6.72
C GLY B 57 4.25 -18.99 -5.61
N CYS B 58 4.94 -18.97 -4.48
CA CYS B 58 4.38 -18.43 -3.28
C CYS B 58 5.51 -18.13 -2.33
N LEU B 59 5.56 -16.86 -1.93
CA LEU B 59 6.46 -16.39 -0.87
C LEU B 59 5.71 -16.12 0.42
N ARG B 60 6.41 -16.23 1.54
CA ARG B 60 5.84 -15.85 2.82
C ARG B 60 6.77 -14.91 3.56
N LEU B 61 6.13 -14.02 4.32
CA LEU B 61 6.82 -13.11 5.21
C LEU B 61 6.56 -13.56 6.65
N PHE B 62 7.61 -13.76 7.43
CA PHE B 62 7.38 -14.23 8.79
C PHE B 62 8.40 -13.69 9.76
N PHE B 63 8.10 -13.82 11.05
CA PHE B 63 9.09 -13.48 12.09
C PHE B 63 9.03 -14.58 13.16
N ILE B 64 10.02 -14.59 14.06
CA ILE B 64 10.10 -15.59 15.13
C ILE B 64 9.69 -14.90 16.39
N ASP B 65 8.74 -15.49 17.10
CA ASP B 65 8.18 -14.80 18.26
C ASP B 65 8.98 -15.18 19.53
N GLU B 66 8.59 -14.68 20.69
CA GLU B 66 9.36 -14.95 21.94
C GLU B 66 9.45 -16.40 22.37
N LYS B 67 8.55 -17.24 21.85
CA LYS B 67 8.57 -18.66 22.14
C LYS B 67 9.40 -19.46 21.13
N GLY B 68 9.97 -18.75 20.15
CA GLY B 68 10.74 -19.37 19.09
C GLY B 68 9.86 -19.91 17.97
N ILE B 69 8.61 -19.48 17.92
CA ILE B 69 7.68 -20.05 16.98
C ILE B 69 7.53 -19.06 15.81
N GLU B 70 7.66 -19.59 14.60
CA GLU B 70 7.41 -18.82 13.39
C GLU B 70 5.98 -18.34 13.31
N GLN B 71 5.81 -17.05 13.11
CA GLN B 71 4.50 -16.46 12.84
C GLN B 71 4.48 -15.88 11.42
N THR B 72 3.62 -16.40 10.56
CA THR B 72 3.54 -15.88 9.19
C THR B 72 2.53 -14.71 9.12
N THR B 73 3.02 -13.58 8.63
CA THR B 73 2.27 -12.30 8.60
C THR B 73 1.53 -12.17 7.27
N GLN B 74 2.12 -12.72 6.21
CA GLN B 74 1.41 -12.72 4.96
C GLN B 74 2.10 -13.59 3.94
N PHE B 75 1.40 -13.78 2.83
CA PHE B 75 1.94 -14.48 1.70
C PHE B 75 1.90 -13.54 0.50
N ALA B 76 2.58 -13.94 -0.56
CA ALA B 76 2.48 -13.29 -1.86
C ALA B 76 2.49 -14.39 -2.89
N ILE B 77 1.39 -14.52 -3.65
CA ILE B 77 1.30 -15.50 -4.72
C ILE B 77 1.59 -14.86 -6.11
N GLU B 78 1.40 -15.61 -7.20
CA GLU B 78 1.74 -15.08 -8.52
CA GLU B 78 1.65 -15.11 -8.56
C GLU B 78 1.07 -13.70 -8.81
N ASN B 79 1.90 -12.82 -9.39
CA ASN B 79 1.56 -11.42 -9.74
C ASN B 79 1.48 -10.43 -8.60
N TRP B 80 1.82 -10.85 -7.38
CA TRP B 80 1.93 -9.96 -6.22
C TRP B 80 3.40 -9.69 -5.92
N TRP B 81 3.67 -8.68 -5.09
CA TRP B 81 5.02 -8.23 -4.78
C TRP B 81 5.31 -8.45 -3.30
N LEU B 82 6.57 -8.72 -2.95
CA LEU B 82 6.87 -8.82 -1.53
C LEU B 82 8.25 -8.31 -1.20
N SER B 83 8.33 -7.60 -0.08
CA SER B 83 9.62 -7.27 0.58
C SER B 83 9.22 -6.95 2.05
N ASP B 84 10.19 -6.60 2.89
CA ASP B 84 9.91 -6.04 4.21
C ASP B 84 9.97 -4.55 3.84
N TYR B 85 8.80 -3.94 3.61
CA TYR B 85 8.79 -2.62 2.97
C TYR B 85 9.33 -1.49 3.83
N MSE B 86 9.19 -1.59 5.14
CA MSE B 86 9.76 -0.54 5.97
C MSE B 86 11.29 -0.61 5.85
O MSE B 86 11.98 0.42 5.61
CB MSE B 86 9.33 -0.69 7.44
CG MSE B 86 10.07 0.34 8.34
SE MSE B 86 9.50 2.18 8.03
CE MSE B 86 7.68 1.95 8.39
N ALA B 87 11.82 -1.83 5.94
CA ALA B 87 13.28 -1.99 5.84
C ALA B 87 13.80 -1.65 4.44
N PHE B 88 13.04 -2.07 3.42
CA PHE B 88 13.36 -1.77 2.02
C PHE B 88 13.44 -0.25 1.81
N GLN B 89 12.41 0.51 2.21
CA GLN B 89 12.40 1.95 1.96
CA GLN B 89 12.44 1.93 1.92
C GLN B 89 13.42 2.73 2.77
N LYS B 90 13.73 2.24 3.96
CA LYS B 90 14.67 2.93 4.86
C LYS B 90 16.09 2.42 4.66
N GLN B 91 16.24 1.35 3.86
CA GLN B 91 17.56 0.76 3.56
C GLN B 91 18.24 0.29 4.83
N GLN B 92 17.49 -0.44 5.64
CA GLN B 92 17.95 -0.81 6.96
C GLN B 92 17.69 -2.28 7.27
N PRO B 93 18.23 -2.80 8.42
CA PRO B 93 17.98 -4.21 8.77
C PRO B 93 16.48 -4.60 8.86
N ALA B 94 16.19 -5.81 8.40
CA ALA B 94 14.83 -6.33 8.25
C ALA B 94 14.24 -6.68 9.59
N ASP B 95 12.93 -6.47 9.72
CA ASP B 95 12.16 -7.04 10.83
C ASP B 95 11.74 -8.48 10.55
N PHE B 96 11.69 -8.87 9.26
CA PHE B 96 11.08 -10.15 8.89
C PHE B 96 12.03 -11.05 8.11
N TYR B 97 11.69 -12.34 8.08
CA TYR B 97 12.22 -13.28 7.11
C TYR B 97 11.31 -13.25 5.88
N ILE B 98 11.91 -13.50 4.72
CA ILE B 98 11.17 -13.92 3.52
C ILE B 98 11.65 -15.29 3.09
N GLN B 99 10.70 -16.18 2.81
CA GLN B 99 11.05 -17.55 2.46
C GLN B 99 10.06 -18.08 1.45
N SER B 100 10.53 -18.89 0.50
CA SER B 100 9.58 -19.54 -0.42
C SER B 100 8.75 -20.62 0.24
N VAL B 101 7.50 -20.74 -0.20
CA VAL B 101 6.55 -21.72 0.33
C VAL B 101 6.50 -22.91 -0.63
N GLU B 102 6.55 -22.61 -1.93
CA GLU B 102 6.55 -23.58 -3.02
C GLU B 102 7.84 -23.27 -3.82
N ASN B 103 8.18 -24.08 -4.81
CA ASN B 103 9.17 -23.67 -5.79
C ASN B 103 8.64 -22.40 -6.42
N CYS B 104 9.54 -21.43 -6.64
CA CYS B 104 9.13 -20.12 -7.14
C CYS B 104 9.94 -19.71 -8.34
N GLU B 105 9.33 -18.87 -9.17
CA GLU B 105 10.07 -18.10 -10.17
C GLU B 105 9.80 -16.65 -9.76
N LEU B 106 10.87 -15.90 -9.55
CA LEU B 106 10.76 -14.52 -9.06
C LEU B 106 11.52 -13.59 -9.97
N LEU B 107 11.09 -12.34 -9.99
CA LEU B 107 11.90 -11.27 -10.53
C LEU B 107 12.25 -10.36 -9.38
N SER B 108 13.53 -10.00 -9.27
CA SER B 108 13.98 -9.15 -8.16
C SER B 108 14.55 -7.84 -8.64
N ILE B 109 14.33 -6.79 -7.84
CA ILE B 109 14.91 -5.47 -8.13
C ILE B 109 15.40 -4.87 -6.83
N THR B 110 16.49 -4.11 -6.91
CA THR B 110 16.98 -3.45 -5.72
C THR B 110 16.28 -2.09 -5.52
N TYR B 111 16.35 -1.61 -4.29
CA TYR B 111 15.83 -0.29 -3.94
C TYR B 111 16.39 0.78 -4.86
N THR B 112 17.70 0.81 -5.04
CA THR B 112 18.31 1.86 -5.81
C THR B 112 17.86 1.79 -7.28
N GLU B 113 17.78 0.56 -7.78
CA GLU B 113 17.33 0.36 -9.13
C GLU B 113 15.88 0.76 -9.32
N GLN B 114 15.03 0.37 -8.36
CA GLN B 114 13.60 0.71 -8.44
C GLN B 114 13.44 2.24 -8.42
N GLU B 115 14.19 2.93 -7.56
CA GLU B 115 14.18 4.40 -7.55
C GLU B 115 14.57 5.02 -8.90
N ASN B 116 15.66 4.53 -9.52
CA ASN B 116 16.02 4.93 -10.88
C ASN B 116 14.92 4.65 -11.91
N LEU B 117 14.29 3.49 -11.81
CA LEU B 117 13.23 3.10 -12.71
C LEU B 117 12.05 4.08 -12.63
N PHE B 118 11.64 4.46 -11.41
CA PHE B 118 10.58 5.47 -11.24
C PHE B 118 10.95 6.75 -11.99
N GLU B 119 12.23 7.13 -11.93
CA GLU B 119 12.69 8.34 -12.62
C GLU B 119 12.62 8.15 -14.15
N ARG B 120 13.13 7.02 -14.62
CA ARG B 120 13.21 6.72 -16.05
C ARG B 120 11.84 6.50 -16.70
N ILE B 121 10.96 5.78 -16.01
CA ILE B 121 9.65 5.48 -16.58
C ILE B 121 8.61 5.93 -15.55
N PRO B 122 8.27 7.23 -15.54
CA PRO B 122 7.39 7.75 -14.49
C PRO B 122 5.97 7.18 -14.55
N ALA B 123 5.55 6.65 -15.71
CA ALA B 123 4.26 5.91 -15.73
C ALA B 123 4.17 4.80 -14.68
N LEU B 124 5.30 4.24 -14.28
CA LEU B 124 5.33 3.16 -13.27
C LEU B 124 4.82 3.60 -11.90
N GLU B 125 4.80 4.91 -11.63
CA GLU B 125 4.22 5.44 -10.39
C GLU B 125 2.77 4.97 -10.26
N ARG B 126 1.99 5.06 -11.35
CA ARG B 126 0.60 4.57 -11.30
C ARG B 126 0.53 3.03 -11.05
N TYR B 127 1.41 2.26 -11.72
CA TYR B 127 1.43 0.80 -11.50
C TYR B 127 1.67 0.49 -10.01
N PHE B 128 2.74 1.06 -9.44
CA PHE B 128 3.00 0.80 -8.04
C PHE B 128 2.01 1.46 -7.06
N ARG B 129 1.40 2.59 -7.44
CA ARG B 129 0.30 3.15 -6.62
C ARG B 129 -0.81 2.08 -6.53
N LEU B 130 -1.15 1.44 -7.67
CA LEU B 130 -2.16 0.38 -7.66
C LEU B 130 -1.73 -0.87 -6.88
N VAL B 131 -0.48 -1.33 -7.06
CA VAL B 131 0.02 -2.47 -6.32
C VAL B 131 -0.02 -2.23 -4.81
N TYR B 132 0.48 -1.07 -4.38
CA TYR B 132 0.51 -0.77 -2.96
C TYR B 132 -0.87 -0.49 -2.37
N GLN B 133 -1.76 0.12 -3.14
CA GLN B 133 -3.13 0.33 -2.69
C GLN B 133 -3.81 -1.03 -2.41
N LYS B 134 -3.66 -1.95 -3.36
CA LYS B 134 -4.25 -3.28 -3.22
C LYS B 134 -3.59 -4.05 -2.10
N SER B 135 -2.26 -3.94 -1.99
CA SER B 135 -1.53 -4.65 -0.90
C SER B 135 -1.94 -4.16 0.47
N PHE B 136 -2.04 -2.83 0.60
CA PHE B 136 -2.50 -2.24 1.86
C PHE B 136 -3.96 -2.62 2.19
N ALA B 137 -4.87 -2.58 1.20
CA ALA B 137 -6.27 -3.02 1.38
C ALA B 137 -6.28 -4.44 1.97
N ALA B 138 -5.47 -5.33 1.37
CA ALA B 138 -5.36 -6.73 1.82
C ALA B 138 -4.83 -6.81 3.25
N ALA B 139 -3.79 -6.02 3.55
CA ALA B 139 -3.25 -5.97 4.92
C ALA B 139 -4.25 -5.49 5.99
N GLN B 140 -5.04 -4.47 5.64
CA GLN B 140 -6.10 -4.00 6.52
C GLN B 140 -7.08 -5.14 6.89
N LEU B 141 -7.54 -5.87 5.87
CA LEU B 141 -8.40 -7.04 6.07
C LEU B 141 -7.71 -8.12 6.91
N ARG B 142 -6.44 -8.34 6.66
CA ARG B 142 -5.72 -9.36 7.45
C ARG B 142 -5.71 -9.00 8.95
N SER B 143 -5.64 -7.70 9.25
CA SER B 143 -5.62 -7.21 10.63
CA SER B 143 -5.62 -7.22 10.64
C SER B 143 -6.94 -7.56 11.33
N LYS B 144 -8.05 -7.45 10.61
CA LYS B 144 -9.36 -7.77 11.15
C LYS B 144 -9.36 -9.23 11.54
N PHE B 145 -8.76 -10.05 10.71
CA PHE B 145 -8.76 -11.48 11.03
C PHE B 145 -7.69 -11.87 12.07
N GLN B 146 -6.57 -11.17 12.05
CA GLN B 146 -5.51 -11.22 13.07
C GLN B 146 -6.00 -10.72 14.46
N HIS B 147 -6.92 -9.73 14.49
CA HIS B 147 -7.61 -9.29 15.74
C HIS B 147 -8.79 -10.19 16.15
N MSE B 148 -9.13 -11.17 15.30
CA MSE B 148 -10.13 -12.18 15.67
C MSE B 148 -9.47 -13.48 16.12
O MSE B 148 -9.88 -14.09 17.10
CB MSE B 148 -11.11 -12.45 14.53
CG MSE B 148 -11.44 -11.23 13.69
SE MSE B 148 -13.02 -11.41 12.55
CE MSE B 148 -14.41 -10.85 14.02
C1 EDO C . -2.27 -6.98 -8.35
O1 EDO C . -2.35 -8.44 -8.41
C2 EDO C . -1.21 -6.64 -7.30
O2 EDO C . 0.14 -6.91 -7.72
C1 EDO D . 4.86 6.02 -20.89
O1 EDO D . 3.49 5.83 -20.52
C2 EDO D . 5.56 4.79 -20.42
O2 EDO D . 4.48 3.94 -20.19
C1 GOL E . -2.62 -10.43 -0.34
O1 GOL E . -3.88 -10.63 -0.95
C2 GOL E . -1.56 -11.15 -1.15
O2 GOL E . -0.26 -10.95 -0.66
C3 GOL E . -1.97 -12.51 -1.73
O3 GOL E . -0.93 -13.44 -1.88
#